data_2D06
#
_entry.id   2D06
#
_cell.length_a   123.640
_cell.length_b   86.070
_cell.length_c   72.950
_cell.angle_alpha   90.00
_cell.angle_beta   90.00
_cell.angle_gamma   90.00
#
_symmetry.space_group_name_H-M   'P 21 21 2'
#
loop_
_entity.id
_entity.type
_entity.pdbx_description
1 polymer 'Sulfotransferase 1A1'
2 non-polymer "ADENOSINE-3'-5'-DIPHOSPHATE"
3 non-polymer ESTRADIOL
4 water water
#
_entity_poly.entity_id   1
_entity_poly.type   'polypeptide(L)'
_entity_poly.pdbx_seq_one_letter_code
;MELIQDTSRPPLEYVKGVPLIKYFAEALGPLQSFQARPDDLLISTYPKSGTTWVSQILDMIYQGGDLEKCHRAPIFMRVP
FLEFKAPGIPSGMETLKDTPAPRLLKTHLPLALLPQTLLDQKVKVVYVARNAKDVAVSYYHFYHMAKVHPEPGTWDSFLE
KFMVGEVSYGSWYQHVQEWWELSRTHPVLYLFYEDMKENPKREIQKILEFVGHSLPEETVDFMVQHTSFKEMKKNPMTNY
TTVPQEFMDHSISPFMRKGMAGDWKTTFTVAQNERFDADYAEKMAGCSLSFRSEL
;
_entity_poly.pdbx_strand_id   A,B
#
loop_
_chem_comp.id
_chem_comp.type
_chem_comp.name
_chem_comp.formula
A3P RNA linking ADENOSINE-3'-5'-DIPHOSPHATE 'C10 H15 N5 O10 P2'
EST non-polymer ESTRADIOL 'C18 H24 O2'
#
# COMPACT_ATOMS: atom_id res chain seq x y z
N SER A 8 -4.76 -14.21 -26.48
CA SER A 8 -3.91 -13.84 -25.32
C SER A 8 -4.76 -13.70 -24.07
N ARG A 9 -4.35 -14.35 -22.98
CA ARG A 9 -5.09 -14.26 -21.74
C ARG A 9 -6.58 -14.53 -21.97
N PRO A 10 -6.94 -15.80 -22.19
CA PRO A 10 -8.38 -16.04 -22.39
C PRO A 10 -9.13 -15.68 -21.13
N PRO A 11 -10.43 -15.50 -21.23
CA PRO A 11 -11.23 -15.15 -20.05
C PRO A 11 -11.70 -16.44 -19.34
N LEU A 12 -12.26 -16.28 -18.15
CA LEU A 12 -12.70 -17.43 -17.37
C LEU A 12 -13.97 -17.96 -17.90
N GLU A 13 -14.22 -19.25 -17.67
CA GLU A 13 -15.45 -19.89 -18.09
C GLU A 13 -16.15 -20.35 -16.83
N TYR A 14 -17.40 -19.96 -16.67
CA TYR A 14 -18.14 -20.36 -15.48
C TYR A 14 -18.83 -21.69 -15.66
N VAL A 15 -18.66 -22.59 -14.69
CA VAL A 15 -19.31 -23.88 -14.74
C VAL A 15 -19.96 -24.13 -13.39
N LYS A 16 -21.26 -24.36 -13.38
CA LYS A 16 -21.96 -24.58 -12.13
C LYS A 16 -21.58 -23.54 -11.08
N GLY A 17 -21.55 -22.28 -11.51
CA GLY A 17 -21.24 -21.19 -10.60
C GLY A 17 -19.77 -20.96 -10.26
N VAL A 18 -18.86 -21.73 -10.87
CA VAL A 18 -17.44 -21.62 -10.58
C VAL A 18 -16.61 -21.10 -11.74
N PRO A 19 -15.82 -20.03 -11.51
CA PRO A 19 -14.99 -19.51 -12.61
C PRO A 19 -13.76 -20.37 -12.84
N LEU A 20 -13.66 -20.99 -14.01
CA LEU A 20 -12.52 -21.84 -14.32
C LEU A 20 -11.73 -21.38 -15.55
N ILE A 21 -10.46 -21.73 -15.58
CA ILE A 21 -9.61 -21.44 -16.71
C ILE A 21 -10.26 -22.19 -17.87
N LYS A 22 -10.27 -21.60 -19.06
CA LYS A 22 -10.90 -22.24 -20.21
C LYS A 22 -10.44 -23.68 -20.36
N TYR A 23 -9.14 -23.89 -20.44
CA TYR A 23 -8.63 -25.25 -20.60
C TYR A 23 -9.09 -26.23 -19.51
N PHE A 24 -9.22 -25.77 -18.26
CA PHE A 24 -9.65 -26.66 -17.17
C PHE A 24 -11.12 -26.99 -17.29
N ALA A 25 -11.91 -26.00 -17.69
CA ALA A 25 -13.35 -26.19 -17.87
C ALA A 25 -13.57 -27.31 -18.87
N GLU A 26 -12.78 -27.30 -19.95
CA GLU A 26 -12.88 -28.33 -20.98
C GLU A 26 -12.59 -29.70 -20.37
N ALA A 27 -11.52 -29.79 -19.63
CA ALA A 27 -11.14 -31.05 -19.01
C ALA A 27 -12.20 -31.69 -18.12
N LEU A 28 -13.14 -30.92 -17.61
CA LEU A 28 -14.14 -31.47 -16.73
C LEU A 28 -14.94 -32.61 -17.36
N GLY A 29 -15.03 -32.61 -18.69
CA GLY A 29 -15.76 -33.66 -19.38
C GLY A 29 -15.12 -35.03 -19.28
N PRO A 30 -13.92 -35.22 -19.85
CA PRO A 30 -13.29 -36.54 -19.75
C PRO A 30 -13.25 -36.98 -18.28
N LEU A 31 -12.99 -36.03 -17.40
CA LEU A 31 -12.91 -36.26 -15.97
C LEU A 31 -14.10 -36.99 -15.40
N GLN A 32 -15.26 -36.89 -16.05
CA GLN A 32 -16.46 -37.55 -15.55
C GLN A 32 -16.30 -39.06 -15.64
N SER A 33 -15.22 -39.51 -16.28
CA SER A 33 -14.95 -40.94 -16.43
C SER A 33 -13.88 -41.47 -15.45
N PHE A 34 -13.36 -40.60 -14.61
CA PHE A 34 -12.33 -40.94 -13.62
C PHE A 34 -12.80 -41.90 -12.51
N GLN A 35 -12.13 -43.04 -12.40
CA GLN A 35 -12.44 -44.02 -11.35
C GLN A 35 -11.31 -43.96 -10.34
N ALA A 36 -11.67 -43.59 -9.13
CA ALA A 36 -10.70 -43.46 -8.07
C ALA A 36 -10.48 -44.83 -7.48
N ARG A 37 -9.32 -45.03 -6.87
CA ARG A 37 -9.00 -46.30 -6.23
C ARG A 37 -9.10 -46.07 -4.72
N PRO A 38 -9.45 -47.12 -3.97
CA PRO A 38 -9.56 -46.97 -2.52
C PRO A 38 -8.26 -46.56 -1.85
N ASP A 39 -7.14 -46.78 -2.52
CA ASP A 39 -5.85 -46.42 -1.92
C ASP A 39 -5.29 -45.11 -2.47
N ASP A 40 -6.11 -44.36 -3.19
CA ASP A 40 -5.66 -43.07 -3.71
C ASP A 40 -5.57 -42.07 -2.56
N LEU A 41 -4.82 -41.00 -2.75
CA LEU A 41 -4.71 -39.94 -1.75
C LEU A 41 -4.84 -38.64 -2.50
N LEU A 42 -5.81 -37.86 -2.05
CA LEU A 42 -6.08 -36.56 -2.65
C LEU A 42 -5.54 -35.36 -1.87
N ILE A 43 -4.75 -34.54 -2.56
CA ILE A 43 -4.22 -33.32 -2.00
C ILE A 43 -5.19 -32.23 -2.49
N SER A 44 -5.89 -31.58 -1.56
CA SER A 44 -6.85 -30.55 -1.94
C SER A 44 -6.43 -29.19 -1.32
N THR A 45 -6.62 -28.12 -2.06
CA THR A 45 -6.23 -26.79 -1.62
C THR A 45 -6.85 -25.76 -2.55
N TYR A 46 -6.99 -24.55 -2.04
CA TYR A 46 -7.46 -23.46 -2.83
C TYR A 46 -6.09 -22.98 -3.36
N PRO A 47 -6.01 -22.58 -4.62
CA PRO A 47 -4.68 -22.16 -5.10
C PRO A 47 -3.82 -21.16 -4.28
N LYS A 48 -2.51 -21.45 -4.25
CA LYS A 48 -1.46 -20.69 -3.58
C LYS A 48 -1.51 -20.89 -2.06
N SER A 49 -1.94 -22.06 -1.62
CA SER A 49 -2.04 -22.35 -0.21
C SER A 49 -1.07 -23.39 0.32
N GLY A 50 -0.08 -23.76 -0.49
CA GLY A 50 0.89 -24.75 -0.06
C GLY A 50 0.79 -26.09 -0.77
N THR A 51 0.08 -26.11 -1.88
CA THR A 51 -0.09 -27.29 -2.68
C THR A 51 1.26 -27.91 -3.06
N THR A 52 2.10 -27.13 -3.74
CA THR A 52 3.40 -27.63 -4.18
C THR A 52 4.26 -28.04 -3.01
N TRP A 53 4.08 -27.38 -1.88
CA TRP A 53 4.83 -27.69 -0.70
C TRP A 53 4.39 -29.06 -0.16
N VAL A 54 3.11 -29.25 0.11
CA VAL A 54 2.67 -30.54 0.67
C VAL A 54 2.77 -31.71 -0.31
N SER A 55 2.80 -31.41 -1.60
CA SER A 55 2.93 -32.50 -2.55
C SER A 55 4.31 -33.10 -2.38
N GLN A 56 5.32 -32.24 -2.33
CA GLN A 56 6.70 -32.70 -2.20
C GLN A 56 6.89 -33.53 -0.94
N ILE A 57 6.30 -33.09 0.17
CA ILE A 57 6.42 -33.86 1.41
C ILE A 57 5.79 -35.22 1.19
N LEU A 58 4.58 -35.23 0.64
CA LEU A 58 3.92 -36.52 0.41
C LEU A 58 4.69 -37.41 -0.51
N ASP A 59 5.15 -36.88 -1.65
CA ASP A 59 5.88 -37.71 -2.59
C ASP A 59 7.09 -38.31 -1.91
N MET A 60 7.82 -37.48 -1.19
CA MET A 60 9.02 -37.88 -0.45
C MET A 60 8.67 -39.03 0.52
N ILE A 61 7.59 -38.86 1.29
CA ILE A 61 7.17 -39.91 2.22
C ILE A 61 6.93 -41.20 1.43
N TYR A 62 6.15 -41.10 0.35
CA TYR A 62 5.88 -42.27 -0.47
C TYR A 62 7.15 -42.94 -0.97
N GLN A 63 8.16 -42.16 -1.34
CA GLN A 63 9.42 -42.74 -1.80
C GLN A 63 10.32 -43.16 -0.63
N GLY A 64 9.74 -43.27 0.57
CA GLY A 64 10.51 -43.65 1.74
C GLY A 64 11.67 -42.74 2.10
N GLY A 65 11.49 -41.42 1.95
CA GLY A 65 12.55 -40.49 2.28
C GLY A 65 13.65 -40.40 1.24
N ASP A 66 13.54 -41.20 0.17
CA ASP A 66 14.56 -41.22 -0.87
C ASP A 66 14.60 -39.96 -1.76
N LEU A 67 15.50 -39.04 -1.46
CA LEU A 67 15.64 -37.83 -2.26
C LEU A 67 15.76 -38.09 -3.77
N GLU A 68 16.69 -38.95 -4.17
CA GLU A 68 16.91 -39.26 -5.58
C GLU A 68 15.65 -39.68 -6.36
N LYS A 69 14.84 -40.58 -5.78
CA LYS A 69 13.61 -41.04 -6.43
C LYS A 69 12.66 -39.87 -6.66
N CYS A 70 12.61 -38.94 -5.69
CA CYS A 70 11.77 -37.75 -5.79
C CYS A 70 12.23 -36.85 -6.92
N HIS A 71 13.39 -37.16 -7.50
CA HIS A 71 13.93 -36.35 -8.59
C HIS A 71 13.66 -36.95 -9.96
N ARG A 72 12.87 -38.03 -9.96
CA ARG A 72 12.50 -38.73 -11.19
C ARG A 72 11.82 -37.87 -12.25
N ALA A 73 11.12 -36.83 -11.79
CA ALA A 73 10.40 -35.95 -12.75
C ALA A 73 9.76 -34.85 -11.94
N PRO A 74 9.30 -33.78 -12.68
CA PRO A 74 8.59 -32.55 -12.15
C PRO A 74 7.47 -32.89 -11.21
N ILE A 75 7.44 -32.28 -10.01
CA ILE A 75 6.40 -32.52 -9.06
C ILE A 75 5.02 -32.69 -9.70
N PHE A 76 4.71 -31.91 -10.73
CA PHE A 76 3.37 -32.02 -11.34
C PHE A 76 3.18 -33.25 -12.19
N MET A 77 4.25 -34.02 -12.34
CA MET A 77 4.19 -35.25 -13.12
C MET A 77 4.08 -36.38 -12.11
N ARG A 78 4.77 -36.18 -10.98
CA ARG A 78 4.78 -37.15 -9.91
C ARG A 78 3.41 -37.17 -9.22
N VAL A 79 2.82 -35.99 -9.07
CA VAL A 79 1.53 -35.88 -8.43
C VAL A 79 0.56 -35.27 -9.42
N PRO A 80 -0.03 -36.10 -10.27
CA PRO A 80 -0.99 -35.66 -11.30
C PRO A 80 -1.98 -34.59 -10.84
N PHE A 81 -2.19 -33.61 -11.72
CA PHE A 81 -3.11 -32.51 -11.47
C PHE A 81 -4.40 -32.90 -12.18
N LEU A 82 -5.35 -33.39 -11.40
CA LEU A 82 -6.64 -33.88 -11.86
C LEU A 82 -7.40 -33.16 -12.97
N GLU A 83 -7.73 -31.89 -12.78
CA GLU A 83 -8.48 -31.16 -13.81
C GLU A 83 -7.53 -30.46 -14.77
N PHE A 84 -6.26 -30.86 -14.77
CA PHE A 84 -5.31 -30.18 -15.63
C PHE A 84 -5.40 -30.46 -17.12
N LYS A 85 -5.24 -29.42 -17.91
CA LYS A 85 -5.20 -29.53 -19.35
C LYS A 85 -4.59 -28.24 -19.89
N ALA A 86 -3.71 -28.37 -20.88
CA ALA A 86 -3.06 -27.22 -21.51
C ALA A 86 -2.81 -27.64 -22.96
N PRO A 87 -2.89 -26.70 -23.92
CA PRO A 87 -2.67 -27.01 -25.32
C PRO A 87 -1.35 -27.71 -25.58
N GLY A 88 -1.43 -28.89 -26.18
CA GLY A 88 -0.23 -29.64 -26.48
C GLY A 88 0.29 -30.51 -25.36
N ILE A 89 -0.02 -30.15 -24.12
CA ILE A 89 0.43 -30.92 -22.97
C ILE A 89 -0.59 -31.99 -22.55
N PRO A 90 -0.11 -33.16 -22.09
CA PRO A 90 -1.01 -34.23 -21.68
C PRO A 90 -1.82 -33.89 -20.41
N SER A 91 -3.13 -34.03 -20.54
CA SER A 91 -4.04 -33.75 -19.44
C SER A 91 -3.71 -34.65 -18.27
N GLY A 92 -4.00 -34.17 -17.06
CA GLY A 92 -3.73 -34.96 -15.87
C GLY A 92 -4.41 -36.31 -15.95
N MET A 93 -5.57 -36.35 -16.62
CA MET A 93 -6.31 -37.59 -16.79
C MET A 93 -5.42 -38.55 -17.53
N GLU A 94 -4.83 -38.07 -18.62
CA GLU A 94 -3.95 -38.92 -19.40
C GLU A 94 -2.85 -39.38 -18.46
N THR A 95 -2.05 -38.44 -18.00
CA THR A 95 -0.97 -38.74 -17.08
C THR A 95 -1.35 -39.71 -15.97
N LEU A 96 -2.57 -39.61 -15.46
CA LEU A 96 -3.05 -40.46 -14.37
C LEU A 96 -3.12 -41.95 -14.67
N LYS A 97 -3.41 -42.33 -15.90
CA LYS A 97 -3.48 -43.75 -16.25
C LYS A 97 -2.07 -44.34 -16.43
N ASP A 98 -1.05 -43.48 -16.38
CA ASP A 98 0.36 -43.88 -16.51
C ASP A 98 0.98 -43.86 -15.11
N THR A 99 0.14 -43.61 -14.10
CA THR A 99 0.60 -43.52 -12.73
C THR A 99 0.24 -44.71 -11.87
N PRO A 100 1.25 -45.37 -11.31
CA PRO A 100 1.17 -46.56 -10.45
C PRO A 100 0.69 -46.27 -9.02
N ALA A 101 -0.27 -47.06 -8.55
CA ALA A 101 -0.78 -46.93 -7.20
C ALA A 101 0.29 -47.39 -6.22
N PRO A 102 0.33 -46.91 -4.99
CA PRO A 102 -0.64 -45.95 -4.47
C PRO A 102 -0.36 -44.66 -5.17
N ARG A 103 -1.41 -43.94 -5.53
CA ARG A 103 -1.30 -42.65 -6.20
C ARG A 103 -1.59 -41.43 -5.33
N LEU A 104 -0.95 -40.34 -5.70
CA LEU A 104 -1.13 -39.05 -5.08
C LEU A 104 -1.72 -38.20 -6.18
N LEU A 105 -2.86 -37.56 -5.91
CA LEU A 105 -3.52 -36.70 -6.90
C LEU A 105 -3.76 -35.31 -6.27
N LYS A 106 -3.68 -34.26 -7.06
CA LYS A 106 -3.95 -32.93 -6.49
C LYS A 106 -5.14 -32.28 -7.23
N THR A 107 -5.84 -31.38 -6.54
CA THR A 107 -6.96 -30.66 -7.11
C THR A 107 -7.20 -29.35 -6.36
N HIS A 108 -7.93 -28.42 -6.97
CA HIS A 108 -8.26 -27.14 -6.36
C HIS A 108 -9.76 -26.93 -6.56
N LEU A 109 -10.42 -27.92 -7.16
CA LEU A 109 -11.85 -27.84 -7.45
C LEU A 109 -12.77 -27.80 -6.21
N PRO A 110 -13.82 -26.98 -6.25
CA PRO A 110 -14.68 -27.00 -5.07
C PRO A 110 -15.56 -28.26 -5.14
N LEU A 111 -16.08 -28.69 -3.99
CA LEU A 111 -16.92 -29.88 -3.89
C LEU A 111 -18.00 -29.94 -4.97
N ALA A 112 -18.55 -28.80 -5.33
CA ALA A 112 -19.58 -28.82 -6.33
C ALA A 112 -19.12 -29.57 -7.56
N LEU A 113 -17.85 -29.43 -7.91
CA LEU A 113 -17.33 -30.07 -9.11
C LEU A 113 -16.43 -31.25 -8.89
N LEU A 114 -16.26 -31.67 -7.64
CA LEU A 114 -15.36 -32.79 -7.39
C LEU A 114 -15.90 -34.12 -7.89
N PRO A 115 -15.13 -34.85 -8.73
CA PRO A 115 -15.60 -36.14 -9.25
C PRO A 115 -16.14 -36.92 -8.06
N GLN A 116 -17.40 -37.31 -8.11
CA GLN A 116 -18.09 -38.05 -7.05
C GLN A 116 -17.43 -39.38 -6.64
N THR A 117 -16.70 -39.99 -7.58
CA THR A 117 -16.03 -41.26 -7.33
C THR A 117 -15.09 -41.23 -6.11
N LEU A 118 -14.42 -40.09 -5.90
CA LEU A 118 -13.48 -39.89 -4.79
C LEU A 118 -14.17 -39.91 -3.43
N LEU A 119 -15.42 -39.47 -3.37
CA LEU A 119 -16.15 -39.51 -2.10
C LEU A 119 -16.71 -40.92 -1.89
N ASP A 120 -17.16 -41.55 -2.97
CA ASP A 120 -17.73 -42.90 -2.90
C ASP A 120 -16.67 -43.88 -2.45
N GLN A 121 -15.49 -43.72 -3.03
CA GLN A 121 -14.35 -44.58 -2.72
C GLN A 121 -13.71 -44.23 -1.39
N LYS A 122 -14.32 -43.28 -0.67
CA LYS A 122 -13.82 -42.85 0.63
C LYS A 122 -12.33 -42.56 0.66
N VAL A 123 -11.86 -41.92 -0.41
CA VAL A 123 -10.47 -41.55 -0.55
C VAL A 123 -9.98 -40.51 0.49
N LYS A 124 -8.86 -40.83 1.13
CA LYS A 124 -8.23 -39.98 2.15
C LYS A 124 -7.85 -38.64 1.50
N VAL A 125 -7.97 -37.58 2.29
CA VAL A 125 -7.74 -36.21 1.83
C VAL A 125 -6.79 -35.38 2.68
N VAL A 126 -5.75 -34.82 2.06
CA VAL A 126 -4.88 -33.91 2.80
C VAL A 126 -5.28 -32.54 2.29
N TYR A 127 -5.77 -31.70 3.18
CA TYR A 127 -6.21 -30.38 2.78
C TYR A 127 -5.35 -29.29 3.40
N VAL A 128 -4.91 -28.32 2.60
CA VAL A 128 -4.11 -27.28 3.19
C VAL A 128 -4.78 -25.94 3.03
N ALA A 129 -4.86 -25.18 4.12
CA ALA A 129 -5.50 -23.87 4.12
C ALA A 129 -4.50 -22.81 4.48
N ARG A 130 -4.70 -21.60 3.94
CA ARG A 130 -3.81 -20.50 4.23
C ARG A 130 -4.63 -19.23 4.45
N ASN A 131 -4.16 -18.34 5.32
CA ASN A 131 -4.88 -17.10 5.60
C ASN A 131 -5.10 -16.33 4.27
N ALA A 132 -6.32 -15.82 4.13
CA ALA A 132 -6.73 -15.18 2.90
C ALA A 132 -5.90 -14.02 2.34
N LYS A 133 -5.39 -13.17 3.24
CA LYS A 133 -4.60 -12.02 2.82
C LYS A 133 -3.34 -12.47 2.07
N ASP A 134 -2.65 -13.45 2.63
CA ASP A 134 -1.46 -13.95 1.97
C ASP A 134 -1.82 -14.66 0.65
N VAL A 135 -2.88 -15.48 0.67
CA VAL A 135 -3.31 -16.16 -0.53
C VAL A 135 -3.58 -15.13 -1.62
N ALA A 136 -4.28 -14.07 -1.27
CA ALA A 136 -4.61 -12.99 -2.19
C ALA A 136 -3.35 -12.36 -2.84
N VAL A 137 -2.36 -11.99 -2.01
CA VAL A 137 -1.15 -11.36 -2.52
C VAL A 137 -0.42 -12.34 -3.46
N SER A 138 -0.35 -13.57 -2.99
CA SER A 138 0.31 -14.63 -3.72
C SER A 138 -0.36 -14.90 -5.06
N TYR A 139 -1.69 -14.95 -5.05
CA TYR A 139 -2.44 -15.23 -6.24
C TYR A 139 -2.23 -14.10 -7.26
N TYR A 140 -2.19 -12.86 -6.77
CA TYR A 140 -1.99 -11.70 -7.63
C TYR A 140 -0.73 -11.86 -8.47
N HIS A 141 0.41 -12.04 -7.81
CA HIS A 141 1.66 -12.22 -8.52
C HIS A 141 1.58 -13.45 -9.41
N PHE A 142 0.91 -14.49 -8.95
CA PHE A 142 0.79 -15.71 -9.75
C PHE A 142 0.00 -15.46 -11.03
N TYR A 143 -0.97 -14.55 -10.97
CA TYR A 143 -1.80 -14.20 -12.12
C TYR A 143 -0.96 -13.51 -13.18
N HIS A 144 0.10 -12.82 -12.76
CA HIS A 144 0.98 -12.13 -13.69
C HIS A 144 1.95 -13.06 -14.41
N MET A 145 2.47 -14.05 -13.70
CA MET A 145 3.43 -14.96 -14.28
C MET A 145 2.87 -16.20 -14.95
N ALA A 146 1.63 -16.57 -14.63
CA ALA A 146 1.02 -17.77 -15.24
C ALA A 146 0.06 -17.32 -16.32
N LYS A 147 0.61 -17.17 -17.54
CA LYS A 147 -0.13 -16.70 -18.72
C LYS A 147 -1.53 -17.18 -19.04
N VAL A 148 -1.96 -18.34 -18.53
CA VAL A 148 -3.32 -18.79 -18.85
C VAL A 148 -4.43 -18.04 -18.10
N HIS A 149 -4.09 -17.33 -17.04
CA HIS A 149 -5.11 -16.60 -16.31
C HIS A 149 -5.44 -15.29 -17.02
N PRO A 150 -6.60 -14.71 -16.73
CA PRO A 150 -6.97 -13.43 -17.37
C PRO A 150 -6.00 -12.36 -16.85
N GLU A 151 -6.18 -11.13 -17.33
CA GLU A 151 -5.30 -10.05 -16.91
C GLU A 151 -5.66 -9.79 -15.48
N PRO A 152 -4.66 -9.62 -14.59
CA PRO A 152 -4.91 -9.38 -13.18
C PRO A 152 -5.37 -7.96 -12.95
N GLY A 153 -4.74 -7.06 -13.69
CA GLY A 153 -5.03 -5.65 -13.56
C GLY A 153 -4.15 -5.04 -12.46
N THR A 154 -4.66 -4.04 -11.77
CA THR A 154 -3.91 -3.43 -10.69
C THR A 154 -4.17 -4.30 -9.47
N TRP A 155 -3.27 -4.26 -8.49
CA TRP A 155 -3.49 -5.05 -7.30
C TRP A 155 -4.80 -4.60 -6.65
N ASP A 156 -5.15 -3.33 -6.80
CA ASP A 156 -6.37 -2.88 -6.15
C ASP A 156 -7.65 -3.48 -6.75
N SER A 157 -7.69 -3.68 -8.06
CA SER A 157 -8.89 -4.21 -8.66
C SER A 157 -8.98 -5.71 -8.41
N PHE A 158 -7.82 -6.34 -8.36
CA PHE A 158 -7.71 -7.78 -8.13
C PHE A 158 -8.26 -8.12 -6.76
N LEU A 159 -7.83 -7.39 -5.73
CA LEU A 159 -8.31 -7.65 -4.37
C LEU A 159 -9.82 -7.63 -4.49
N GLU A 160 -10.34 -6.67 -5.25
CA GLU A 160 -11.78 -6.52 -5.45
C GLU A 160 -12.39 -7.80 -5.96
N LYS A 161 -11.80 -8.31 -7.03
CA LYS A 161 -12.26 -9.55 -7.66
C LYS A 161 -12.18 -10.66 -6.60
N PHE A 162 -11.02 -10.76 -5.96
CA PHE A 162 -10.77 -11.76 -4.95
C PHE A 162 -11.90 -11.83 -3.97
N MET A 163 -12.27 -10.69 -3.39
CA MET A 163 -13.35 -10.72 -2.42
C MET A 163 -14.67 -11.32 -2.88
N VAL A 164 -15.09 -11.03 -4.11
CA VAL A 164 -16.36 -11.56 -4.60
C VAL A 164 -16.25 -12.96 -5.19
N GLY A 165 -15.04 -13.50 -5.21
CA GLY A 165 -14.86 -14.82 -5.76
C GLY A 165 -14.82 -14.81 -7.27
N GLU A 166 -14.51 -13.67 -7.89
N GLU A 166 -14.49 -13.68 -7.89
CA GLU A 166 -14.43 -13.60 -9.36
CA GLU A 166 -14.42 -13.58 -9.35
C GLU A 166 -13.02 -13.85 -9.85
C GLU A 166 -13.01 -13.84 -9.83
N VAL A 167 -12.46 -14.97 -9.42
CA VAL A 167 -11.10 -15.36 -9.78
C VAL A 167 -11.11 -16.85 -10.08
N SER A 168 -10.11 -17.30 -10.81
CA SER A 168 -10.05 -18.71 -11.13
C SER A 168 -10.25 -19.53 -9.84
N TYR A 169 -11.19 -20.46 -9.89
CA TYR A 169 -11.58 -21.38 -8.78
C TYR A 169 -12.51 -20.73 -7.73
N GLY A 170 -12.88 -19.49 -8.00
CA GLY A 170 -13.83 -18.82 -7.14
C GLY A 170 -13.51 -18.45 -5.72
N SER A 171 -14.56 -18.27 -4.93
CA SER A 171 -14.43 -17.88 -3.54
C SER A 171 -13.55 -18.75 -2.71
N TRP A 172 -12.55 -18.12 -2.11
CA TRP A 172 -11.62 -18.78 -1.22
C TRP A 172 -12.44 -19.04 0.09
N TYR A 173 -13.31 -18.12 0.45
CA TYR A 173 -14.11 -18.21 1.67
C TYR A 173 -15.00 -19.46 1.66
N GLN A 174 -15.61 -19.74 0.53
CA GLN A 174 -16.46 -20.90 0.46
C GLN A 174 -15.61 -22.15 0.44
N HIS A 175 -14.51 -22.07 -0.31
CA HIS A 175 -13.62 -23.21 -0.44
C HIS A 175 -13.15 -23.74 0.91
N VAL A 176 -12.57 -22.89 1.73
CA VAL A 176 -12.06 -23.34 3.02
C VAL A 176 -13.13 -23.84 3.98
N GLN A 177 -14.33 -23.28 3.88
CA GLN A 177 -15.42 -23.68 4.76
C GLN A 177 -16.02 -25.01 4.39
N GLU A 178 -16.22 -25.24 3.10
CA GLU A 178 -16.83 -26.48 2.68
C GLU A 178 -15.98 -27.70 2.96
N TRP A 179 -14.66 -27.57 2.83
CA TRP A 179 -13.82 -28.73 3.10
C TRP A 179 -13.64 -28.86 4.60
N TRP A 180 -13.86 -27.78 5.30
CA TRP A 180 -13.76 -27.82 6.75
C TRP A 180 -14.92 -28.67 7.25
N GLU A 181 -16.06 -28.50 6.60
CA GLU A 181 -17.28 -29.20 6.95
C GLU A 181 -17.17 -30.68 6.58
N LEU A 182 -16.67 -30.92 5.39
CA LEU A 182 -16.51 -32.26 4.88
C LEU A 182 -15.76 -33.12 5.84
N SER A 183 -14.81 -32.53 6.56
CA SER A 183 -13.98 -33.32 7.47
C SER A 183 -14.68 -33.95 8.65
N ARG A 184 -15.94 -33.61 8.89
CA ARG A 184 -16.65 -34.22 10.01
C ARG A 184 -17.10 -35.61 9.63
N THR A 185 -17.25 -35.84 8.33
CA THR A 185 -17.75 -37.12 7.86
C THR A 185 -16.88 -37.82 6.81
N HIS A 186 -15.71 -37.28 6.52
CA HIS A 186 -14.85 -37.88 5.51
C HIS A 186 -13.43 -37.85 6.03
N PRO A 187 -12.60 -38.83 5.63
CA PRO A 187 -11.22 -38.81 6.13
C PRO A 187 -10.46 -37.64 5.49
N VAL A 188 -10.36 -36.54 6.24
CA VAL A 188 -9.68 -35.34 5.77
C VAL A 188 -8.73 -34.80 6.80
N LEU A 189 -7.45 -34.75 6.51
CA LEU A 189 -6.50 -34.14 7.45
C LEU A 189 -6.48 -32.68 7.00
N TYR A 190 -6.93 -31.76 7.85
CA TYR A 190 -7.00 -30.33 7.51
C TYR A 190 -5.84 -29.57 8.13
N LEU A 191 -4.88 -29.20 7.29
CA LEU A 191 -3.71 -28.48 7.77
C LEU A 191 -3.69 -27.01 7.39
N PHE A 192 -2.93 -26.24 8.17
CA PHE A 192 -2.78 -24.82 7.91
C PHE A 192 -1.38 -24.51 7.43
N TYR A 193 -1.26 -23.69 6.39
CA TYR A 193 0.04 -23.31 5.88
C TYR A 193 0.90 -22.67 7.00
N GLU A 194 0.32 -21.70 7.69
CA GLU A 194 1.01 -21.06 8.79
C GLU A 194 1.62 -22.06 9.80
N ASP A 195 0.90 -23.11 10.15
CA ASP A 195 1.44 -24.10 11.10
C ASP A 195 2.62 -24.80 10.47
N MET A 196 2.54 -25.09 9.18
CA MET A 196 3.65 -25.77 8.54
C MET A 196 4.88 -24.89 8.54
N LYS A 197 4.67 -23.59 8.56
CA LYS A 197 5.79 -22.67 8.54
C LYS A 197 6.38 -22.61 9.94
N GLU A 198 5.51 -22.48 10.93
CA GLU A 198 5.94 -22.42 12.32
C GLU A 198 6.74 -23.65 12.76
N ASN A 199 6.17 -24.84 12.61
CA ASN A 199 6.86 -26.05 13.03
C ASN A 199 6.61 -27.19 12.04
N PRO A 200 7.39 -27.23 10.96
CA PRO A 200 7.23 -28.28 9.94
C PRO A 200 7.25 -29.70 10.47
N LYS A 201 8.33 -30.05 11.17
CA LYS A 201 8.46 -31.39 11.71
C LYS A 201 7.16 -31.80 12.44
N ARG A 202 6.55 -30.87 13.17
CA ARG A 202 5.31 -31.19 13.86
C ARG A 202 4.20 -31.56 12.87
N GLU A 203 4.10 -30.81 11.78
CA GLU A 203 3.09 -31.07 10.76
C GLU A 203 3.40 -32.33 9.97
N ILE A 204 4.65 -32.49 9.56
CA ILE A 204 5.03 -33.68 8.82
C ILE A 204 4.71 -34.95 9.59
N GLN A 205 4.73 -34.86 10.92
CA GLN A 205 4.43 -36.01 11.76
C GLN A 205 2.94 -36.32 11.66
N LYS A 206 2.12 -35.28 11.72
CA LYS A 206 0.69 -35.47 11.59
C LYS A 206 0.35 -36.17 10.29
N ILE A 207 1.02 -35.78 9.21
CA ILE A 207 0.78 -36.40 7.92
C ILE A 207 1.12 -37.88 7.95
N LEU A 208 2.30 -38.22 8.46
CA LEU A 208 2.71 -39.62 8.56
C LEU A 208 1.65 -40.42 9.30
N GLU A 209 1.28 -39.95 10.49
CA GLU A 209 0.26 -40.67 11.23
C GLU A 209 -0.98 -40.85 10.33
N PHE A 210 -1.44 -39.78 9.71
CA PHE A 210 -2.61 -39.87 8.86
C PHE A 210 -2.46 -40.85 7.69
N VAL A 211 -1.31 -40.88 7.01
CA VAL A 211 -1.16 -41.81 5.87
C VAL A 211 -0.63 -43.20 6.21
N GLY A 212 -0.57 -43.56 7.50
CA GLY A 212 -0.07 -44.90 7.83
C GLY A 212 1.45 -45.05 7.90
N HIS A 213 2.20 -44.69 6.86
CA HIS A 213 3.66 -44.82 6.91
C HIS A 213 4.24 -44.25 8.21
N SER A 214 5.42 -44.73 8.59
CA SER A 214 6.08 -44.26 9.79
C SER A 214 7.59 -44.34 9.59
N LEU A 215 8.25 -43.19 9.71
CA LEU A 215 9.68 -43.14 9.50
C LEU A 215 10.49 -42.75 10.74
N PRO A 216 11.82 -42.94 10.68
CA PRO A 216 12.79 -42.65 11.74
C PRO A 216 13.01 -41.16 11.90
N GLU A 217 13.07 -40.71 13.16
CA GLU A 217 13.29 -39.29 13.41
C GLU A 217 14.43 -38.77 12.55
N GLU A 218 15.43 -39.60 12.31
CA GLU A 218 16.57 -39.20 11.49
C GLU A 218 16.11 -38.88 10.08
N THR A 219 15.04 -39.54 9.64
CA THR A 219 14.48 -39.36 8.31
C THR A 219 13.58 -38.11 8.23
N VAL A 220 12.74 -37.94 9.24
CA VAL A 220 11.87 -36.79 9.29
C VAL A 220 12.68 -35.50 9.14
N ASP A 221 13.76 -35.38 9.91
CA ASP A 221 14.62 -34.19 9.84
C ASP A 221 15.21 -33.99 8.45
N PHE A 222 15.51 -35.07 7.76
CA PHE A 222 16.06 -34.96 6.41
C PHE A 222 15.06 -34.25 5.48
N MET A 223 13.79 -34.64 5.59
CA MET A 223 12.73 -34.07 4.77
C MET A 223 12.60 -32.60 5.12
N VAL A 224 12.42 -32.37 6.41
CA VAL A 224 12.26 -31.01 6.85
C VAL A 224 13.24 -30.03 6.12
N GLN A 225 14.47 -30.51 5.85
CA GLN A 225 15.50 -29.69 5.33
C GLN A 225 15.20 -29.56 3.91
N HIS A 226 14.95 -30.68 3.26
CA HIS A 226 14.64 -30.68 1.87
C HIS A 226 13.32 -30.12 1.36
N THR A 227 12.37 -29.94 2.26
CA THR A 227 11.11 -29.38 1.85
C THR A 227 11.00 -27.95 2.32
N SER A 228 12.14 -27.30 2.46
CA SER A 228 12.19 -25.92 2.90
C SER A 228 12.14 -24.99 1.69
N PHE A 229 11.68 -23.77 1.90
CA PHE A 229 11.58 -22.86 0.79
C PHE A 229 12.94 -22.73 0.08
N LYS A 230 13.99 -22.54 0.86
CA LYS A 230 15.31 -22.38 0.27
C LYS A 230 15.61 -23.56 -0.66
N GLU A 231 15.46 -24.80 -0.16
CA GLU A 231 15.73 -25.97 -0.98
C GLU A 231 14.78 -26.16 -2.16
N MET A 232 13.48 -26.07 -1.90
CA MET A 232 12.49 -26.24 -2.97
C MET A 232 12.59 -25.15 -4.03
N LYS A 233 13.20 -24.02 -3.65
CA LYS A 233 13.37 -22.90 -4.57
C LYS A 233 14.42 -23.18 -5.64
N LYS A 234 15.51 -23.85 -5.25
CA LYS A 234 16.60 -24.16 -6.18
C LYS A 234 16.37 -25.48 -6.94
N ASN A 235 15.55 -26.38 -6.39
CA ASN A 235 15.27 -27.66 -7.04
C ASN A 235 14.33 -27.47 -8.22
N PRO A 236 14.82 -27.70 -9.44
CA PRO A 236 14.02 -27.55 -10.67
C PRO A 236 12.91 -28.59 -10.80
N MET A 237 12.91 -29.57 -9.92
CA MET A 237 11.86 -30.56 -9.97
C MET A 237 10.66 -30.12 -9.13
N THR A 238 10.80 -28.99 -8.44
CA THR A 238 9.71 -28.44 -7.64
C THR A 238 9.45 -26.92 -7.78
N ASN A 239 10.36 -26.17 -8.41
CA ASN A 239 10.16 -24.74 -8.53
C ASN A 239 9.46 -24.35 -9.80
N TYR A 240 9.04 -25.34 -10.60
CA TYR A 240 8.35 -25.14 -11.87
C TYR A 240 9.07 -24.31 -12.92
N THR A 241 10.40 -24.37 -13.04
CA THR A 241 11.16 -23.53 -13.96
C THR A 241 11.45 -24.37 -15.16
N THR A 242 10.76 -25.51 -15.22
CA THR A 242 10.93 -26.42 -16.29
C THR A 242 9.74 -26.48 -17.24
N VAL A 243 8.89 -25.46 -17.24
CA VAL A 243 7.76 -25.47 -18.14
C VAL A 243 7.89 -24.32 -19.12
N PRO A 244 7.37 -24.51 -20.35
CA PRO A 244 7.37 -23.53 -21.44
C PRO A 244 7.25 -22.10 -20.94
N GLN A 245 8.17 -21.22 -21.33
CA GLN A 245 8.09 -19.81 -20.92
C GLN A 245 6.72 -19.20 -21.35
N GLU A 246 6.04 -19.83 -22.32
CA GLU A 246 4.75 -19.33 -22.80
C GLU A 246 3.71 -19.46 -21.70
N PHE A 247 3.84 -20.50 -20.88
CA PHE A 247 2.87 -20.74 -19.81
C PHE A 247 3.20 -20.03 -18.51
N MET A 248 4.46 -20.13 -18.10
CA MET A 248 4.93 -19.50 -16.87
C MET A 248 6.22 -18.75 -17.15
N ASP A 249 6.20 -17.45 -16.94
CA ASP A 249 7.35 -16.61 -17.16
C ASP A 249 7.92 -16.23 -15.80
N HIS A 250 8.87 -17.01 -15.31
CA HIS A 250 9.46 -16.74 -14.01
C HIS A 250 10.15 -15.41 -13.85
N SER A 251 10.44 -14.74 -14.96
CA SER A 251 11.12 -13.46 -14.92
C SER A 251 10.21 -12.35 -14.36
N ILE A 252 8.90 -12.53 -14.49
CA ILE A 252 7.96 -11.55 -13.97
C ILE A 252 7.78 -11.77 -12.46
N SER A 253 7.60 -13.04 -12.09
CA SER A 253 7.43 -13.46 -10.70
C SER A 253 7.67 -14.96 -10.68
N PRO A 254 8.63 -15.43 -9.85
CA PRO A 254 8.89 -16.86 -9.82
C PRO A 254 7.81 -17.61 -9.05
N PHE A 255 7.64 -18.89 -9.36
CA PHE A 255 6.61 -19.65 -8.68
C PHE A 255 6.86 -19.59 -7.18
N MET A 256 8.10 -19.88 -6.80
CA MET A 256 8.50 -19.84 -5.40
C MET A 256 8.83 -18.37 -5.23
N ARG A 257 7.90 -17.64 -4.62
CA ARG A 257 8.06 -16.20 -4.43
C ARG A 257 8.74 -15.72 -3.15
N LYS A 258 8.23 -16.09 -1.98
CA LYS A 258 8.81 -15.67 -0.71
C LYS A 258 8.70 -16.80 0.22
N GLY A 259 7.56 -17.43 0.28
CA GLY A 259 7.43 -18.54 1.19
C GLY A 259 7.21 -18.08 2.59
N MET A 260 6.54 -16.96 2.70
CA MET A 260 6.29 -16.49 4.03
C MET A 260 4.90 -16.11 4.56
N ALA A 261 4.64 -16.37 5.84
CA ALA A 261 3.37 -15.98 6.47
C ALA A 261 3.51 -14.54 6.93
N GLY A 262 2.64 -13.65 6.47
CA GLY A 262 2.74 -12.25 6.88
C GLY A 262 3.22 -11.27 5.80
N ASP A 263 3.61 -11.79 4.65
CA ASP A 263 4.09 -10.94 3.57
C ASP A 263 2.99 -9.99 3.08
N TRP A 264 1.77 -10.27 3.47
CA TRP A 264 0.68 -9.44 3.00
C TRP A 264 0.73 -7.99 3.50
N LYS A 265 1.38 -7.78 4.64
CA LYS A 265 1.47 -6.43 5.20
C LYS A 265 2.21 -5.42 4.35
N THR A 266 3.08 -5.87 3.45
CA THR A 266 3.80 -4.93 2.61
C THR A 266 3.12 -4.66 1.28
N THR A 267 1.90 -5.16 1.10
CA THR A 267 1.18 -4.93 -0.15
C THR A 267 -0.17 -4.27 0.14
N PHE A 268 -0.89 -4.78 1.14
CA PHE A 268 -2.19 -4.20 1.52
C PHE A 268 -2.05 -2.76 2.04
N THR A 269 -2.93 -1.86 1.61
CA THR A 269 -2.86 -0.51 2.17
C THR A 269 -3.73 -0.55 3.44
N VAL A 270 -3.82 0.57 4.13
CA VAL A 270 -4.62 0.64 5.33
C VAL A 270 -6.09 0.66 4.91
N ALA A 271 -6.38 1.26 3.76
CA ALA A 271 -7.76 1.33 3.25
C ALA A 271 -8.21 -0.10 3.04
N GLN A 272 -7.52 -0.76 2.13
CA GLN A 272 -7.78 -2.14 1.81
C GLN A 272 -7.92 -2.98 3.09
N ASN A 273 -6.89 -3.00 3.92
CA ASN A 273 -6.97 -3.79 5.12
C ASN A 273 -8.26 -3.55 5.90
N GLU A 274 -8.73 -2.32 5.88
CA GLU A 274 -9.95 -1.99 6.60
C GLU A 274 -11.20 -2.55 5.96
N ARG A 275 -11.30 -2.36 4.65
CA ARG A 275 -12.42 -2.83 3.85
C ARG A 275 -12.47 -4.34 3.96
N PHE A 276 -11.32 -4.97 3.75
CA PHE A 276 -11.20 -6.41 3.80
C PHE A 276 -11.61 -7.02 5.13
N ASP A 277 -11.05 -6.56 6.23
CA ASP A 277 -11.45 -7.16 7.51
C ASP A 277 -12.93 -7.01 7.79
N ALA A 278 -13.54 -5.93 7.32
CA ALA A 278 -14.97 -5.72 7.52
C ALA A 278 -15.72 -6.84 6.80
N ASP A 279 -15.36 -7.01 5.53
CA ASP A 279 -15.93 -8.03 4.63
C ASP A 279 -15.70 -9.45 5.11
N TYR A 280 -14.54 -9.65 5.70
CA TYR A 280 -14.15 -10.95 6.20
C TYR A 280 -14.98 -11.34 7.41
N ALA A 281 -15.19 -10.39 8.31
CA ALA A 281 -15.96 -10.68 9.51
C ALA A 281 -17.34 -11.18 9.12
N GLU A 282 -17.85 -10.66 8.01
CA GLU A 282 -19.16 -11.07 7.51
C GLU A 282 -19.17 -12.48 6.97
N LYS A 283 -18.28 -12.77 6.03
CA LYS A 283 -18.21 -14.09 5.41
C LYS A 283 -17.83 -15.28 6.29
N MET A 284 -17.08 -15.06 7.36
CA MET A 284 -16.67 -16.15 8.24
C MET A 284 -17.39 -15.83 9.50
N ALA A 285 -18.71 -15.95 9.47
CA ALA A 285 -19.57 -15.63 10.60
C ALA A 285 -19.62 -16.73 11.63
N GLY A 286 -20.56 -17.65 11.43
CA GLY A 286 -20.73 -18.76 12.34
C GLY A 286 -19.84 -19.92 11.95
N CYS A 287 -18.54 -19.68 11.93
CA CYS A 287 -17.60 -20.71 11.56
C CYS A 287 -16.56 -20.81 12.66
N SER A 288 -16.18 -22.04 13.02
CA SER A 288 -15.17 -22.23 14.06
C SER A 288 -13.76 -22.15 13.45
N LEU A 289 -13.69 -22.20 12.12
CA LEU A 289 -12.41 -22.11 11.40
C LEU A 289 -11.70 -20.84 11.85
N SER A 290 -10.40 -20.93 12.08
CA SER A 290 -9.65 -19.75 12.53
C SER A 290 -8.27 -19.67 11.89
N PHE A 291 -7.89 -18.48 11.41
CA PHE A 291 -6.60 -18.29 10.76
C PHE A 291 -5.63 -17.32 11.42
N ARG A 292 -4.33 -17.58 11.28
CA ARG A 292 -3.29 -16.69 11.78
C ARG A 292 -2.78 -15.88 10.58
N SER A 293 -2.67 -14.56 10.73
CA SER A 293 -2.22 -13.74 9.61
C SER A 293 -0.75 -13.41 9.55
N GLU A 294 -0.01 -13.82 10.59
CA GLU A 294 1.42 -13.59 10.66
C GLU A 294 2.02 -14.58 11.65
N LEU A 295 3.26 -15.00 11.36
CA LEU A 295 4.02 -15.98 12.15
C LEU A 295 3.69 -17.46 11.83
N SER B 8 15.95 19.31 -12.48
CA SER B 8 17.46 19.30 -12.49
C SER B 8 18.07 18.43 -11.36
N ARG B 9 17.18 18.00 -10.45
CA ARG B 9 17.53 17.16 -9.32
C ARG B 9 18.81 17.51 -8.57
N PRO B 10 18.90 18.73 -8.06
CA PRO B 10 20.08 19.15 -7.31
C PRO B 10 20.00 18.68 -5.84
N PRO B 11 21.07 18.06 -5.33
CA PRO B 11 21.10 17.57 -3.94
C PRO B 11 20.94 18.67 -2.91
N LEU B 12 20.32 18.33 -1.79
CA LEU B 12 20.06 19.26 -0.71
C LEU B 12 21.34 19.78 -0.09
N GLU B 13 21.25 20.96 0.52
CA GLU B 13 22.41 21.57 1.19
C GLU B 13 22.02 21.83 2.65
N TYR B 14 22.82 21.33 3.57
CA TYR B 14 22.53 21.51 4.97
C TYR B 14 23.06 22.82 5.54
N VAL B 15 22.24 23.50 6.32
CA VAL B 15 22.64 24.76 6.90
C VAL B 15 22.14 24.79 8.32
N LYS B 16 23.05 24.94 9.27
CA LYS B 16 22.67 24.98 10.68
C LYS B 16 21.79 23.78 11.02
N GLY B 17 22.07 22.68 10.33
CA GLY B 17 21.38 21.41 10.56
C GLY B 17 20.10 21.19 9.78
N VAL B 18 19.78 22.08 8.85
CA VAL B 18 18.54 21.98 8.09
C VAL B 18 18.78 21.73 6.62
N PRO B 19 18.15 20.70 6.06
CA PRO B 19 18.37 20.48 4.64
C PRO B 19 17.52 21.47 3.85
N LEU B 20 18.16 22.19 2.93
CA LEU B 20 17.45 23.16 2.13
C LEU B 20 17.76 22.93 0.69
N ILE B 21 16.91 23.50 -0.15
CA ILE B 21 17.10 23.44 -1.58
C ILE B 21 18.24 24.44 -1.80
N LYS B 22 19.17 24.07 -2.68
CA LYS B 22 20.33 24.89 -3.00
C LYS B 22 20.02 26.39 -3.06
N TYR B 23 19.13 26.75 -3.97
CA TYR B 23 18.78 28.15 -4.17
C TYR B 23 18.26 28.76 -2.89
N PHE B 24 17.34 28.08 -2.22
CA PHE B 24 16.80 28.59 -0.96
C PHE B 24 17.93 28.83 0.02
N ALA B 25 18.95 27.99 0.01
CA ALA B 25 20.05 28.22 0.96
C ALA B 25 20.82 29.48 0.57
N GLU B 26 21.14 29.61 -0.72
CA GLU B 26 21.88 30.77 -1.20
C GLU B 26 21.14 32.06 -0.85
N ALA B 27 19.83 32.04 -1.03
CA ALA B 27 18.99 33.21 -0.76
C ALA B 27 18.98 33.66 0.70
N LEU B 28 19.50 32.82 1.60
CA LEU B 28 19.53 33.17 3.02
C LEU B 28 20.50 34.31 3.25
N GLY B 29 21.37 34.54 2.27
CA GLY B 29 22.35 35.60 2.38
C GLY B 29 21.67 36.96 2.45
N PRO B 30 20.99 37.35 1.37
CA PRO B 30 20.27 38.63 1.29
C PRO B 30 19.25 38.78 2.43
N LEU B 31 18.57 37.68 2.76
CA LEU B 31 17.58 37.69 3.83
C LEU B 31 18.17 38.16 5.15
N GLN B 32 19.49 38.13 5.27
CA GLN B 32 20.12 38.58 6.49
C GLN B 32 19.78 40.07 6.66
N SER B 33 19.52 40.74 5.53
CA SER B 33 19.18 42.17 5.51
C SER B 33 17.70 42.54 5.44
N PHE B 34 16.82 41.57 5.62
CA PHE B 34 15.39 41.83 5.62
C PHE B 34 14.96 42.49 6.94
N GLN B 35 14.29 43.64 6.84
CA GLN B 35 13.80 44.30 8.04
C GLN B 35 12.28 44.18 8.03
N ALA B 36 11.74 43.67 9.12
CA ALA B 36 10.30 43.49 9.20
C ALA B 36 9.61 44.77 9.66
N ARG B 37 8.34 44.90 9.31
CA ARG B 37 7.55 46.05 9.73
C ARG B 37 6.60 45.49 10.78
N PRO B 38 6.23 46.33 11.76
CA PRO B 38 5.32 45.93 12.84
C PRO B 38 3.98 45.40 12.34
N ASP B 39 3.55 45.89 11.18
CA ASP B 39 2.26 45.50 10.65
C ASP B 39 2.31 44.34 9.66
N ASP B 40 3.44 43.65 9.57
CA ASP B 40 3.48 42.49 8.68
C ASP B 40 2.70 41.35 9.33
N LEU B 41 2.49 40.32 8.54
CA LEU B 41 1.78 39.11 8.98
C LEU B 41 2.46 37.95 8.30
N LEU B 42 3.08 37.08 9.10
CA LEU B 42 3.79 35.92 8.57
C LEU B 42 2.94 34.67 8.43
N ILE B 43 2.96 34.07 7.25
CA ILE B 43 2.25 32.82 7.06
C ILE B 43 3.33 31.77 7.17
N SER B 44 3.22 30.90 8.16
CA SER B 44 4.24 29.87 8.40
C SER B 44 3.71 28.44 8.45
N THR B 45 4.37 27.56 7.71
CA THR B 45 3.95 26.15 7.69
C THR B 45 5.07 25.26 7.23
N TYR B 46 4.92 23.98 7.57
CA TYR B 46 5.80 22.93 7.11
C TYR B 46 5.23 22.61 5.71
N PRO B 47 6.09 22.46 4.69
CA PRO B 47 5.63 22.18 3.33
C PRO B 47 4.45 21.22 3.18
N LYS B 48 3.45 21.64 2.40
CA LYS B 48 2.24 20.85 2.10
C LYS B 48 1.22 20.76 3.27
N SER B 49 1.10 21.81 4.07
CA SER B 49 0.20 21.75 5.19
C SER B 49 -0.96 22.72 5.06
N GLY B 50 -1.05 23.36 3.89
CA GLY B 50 -2.13 24.30 3.70
C GLY B 50 -1.71 25.72 3.44
N THR B 51 -0.45 25.88 3.10
CA THR B 51 0.10 27.16 2.82
C THR B 51 -0.72 27.96 1.79
N THR B 52 -0.80 27.41 0.57
CA THR B 52 -1.50 28.06 -0.51
C THR B 52 -2.97 28.31 -0.20
N TRP B 53 -3.59 27.43 0.55
CA TRP B 53 -4.98 27.59 0.95
C TRP B 53 -5.13 28.88 1.81
N VAL B 54 -4.36 29.01 2.90
CA VAL B 54 -4.42 30.19 3.79
C VAL B 54 -3.93 31.50 3.12
N SER B 55 -2.93 31.40 2.26
CA SER B 55 -2.45 32.56 1.55
C SER B 55 -3.65 33.17 0.85
N GLN B 56 -4.43 32.35 0.15
CA GLN B 56 -5.61 32.81 -0.59
C GLN B 56 -6.69 33.39 0.30
N ILE B 57 -6.97 32.73 1.42
CA ILE B 57 -7.98 33.22 2.36
C ILE B 57 -7.60 34.60 2.89
N LEU B 58 -6.35 34.74 3.33
CA LEU B 58 -5.88 36.00 3.91
C LEU B 58 -5.80 37.13 2.93
N ASP B 59 -5.28 36.86 1.74
CA ASP B 59 -5.19 37.90 0.74
C ASP B 59 -6.59 38.43 0.57
N MET B 60 -7.54 37.54 0.28
CA MET B 60 -8.93 37.96 0.11
C MET B 60 -9.35 38.86 1.28
N ILE B 61 -9.15 38.42 2.53
CA ILE B 61 -9.55 39.28 3.65
C ILE B 61 -8.91 40.64 3.43
N TYR B 62 -7.63 40.64 3.06
CA TYR B 62 -6.95 41.91 2.80
C TYR B 62 -7.50 42.65 1.56
N GLN B 63 -8.41 42.04 0.82
CA GLN B 63 -8.98 42.71 -0.36
C GLN B 63 -10.45 43.01 -0.08
N GLY B 64 -10.81 42.91 1.20
CA GLY B 64 -12.18 43.17 1.61
C GLY B 64 -13.09 42.10 1.02
N GLY B 65 -12.51 40.97 0.67
CA GLY B 65 -13.28 39.89 0.10
C GLY B 65 -13.42 39.99 -1.40
N ASP B 66 -12.87 41.04 -1.98
CA ASP B 66 -12.96 41.24 -3.42
C ASP B 66 -12.25 40.15 -4.19
N LEU B 67 -13.02 39.17 -4.68
CA LEU B 67 -12.49 38.04 -5.45
C LEU B 67 -11.67 38.46 -6.67
N GLU B 68 -12.07 39.58 -7.30
CA GLU B 68 -11.41 40.09 -8.49
C GLU B 68 -9.99 40.65 -8.26
N LYS B 69 -9.79 41.35 -7.15
CA LYS B 69 -8.49 41.93 -6.83
C LYS B 69 -7.45 40.84 -6.48
N CYS B 70 -7.94 39.65 -6.12
CA CYS B 70 -7.05 38.55 -5.80
C CYS B 70 -6.52 37.91 -7.07
N HIS B 71 -7.13 38.24 -8.21
CA HIS B 71 -6.67 37.70 -9.48
C HIS B 71 -5.60 38.60 -10.07
N ARG B 72 -5.24 39.64 -9.32
CA ARG B 72 -4.23 40.61 -9.78
C ARG B 72 -2.94 39.96 -10.28
N ALA B 73 -2.44 38.98 -9.53
CA ALA B 73 -1.23 38.27 -9.89
C ALA B 73 -1.30 36.92 -9.20
N PRO B 74 -0.44 35.97 -9.59
CA PRO B 74 -0.47 34.65 -8.92
C PRO B 74 -0.11 34.73 -7.42
N ILE B 75 -0.69 33.81 -6.64
CA ILE B 75 -0.52 33.76 -5.19
C ILE B 75 0.90 34.00 -4.67
N PHE B 76 1.89 33.25 -5.14
CA PHE B 76 3.26 33.45 -4.67
C PHE B 76 3.71 34.89 -4.92
N MET B 77 3.05 35.55 -5.86
CA MET B 77 3.37 36.95 -6.19
C MET B 77 2.66 37.88 -5.23
N ARG B 78 1.39 37.60 -4.95
CA ARG B 78 0.61 38.43 -4.03
C ARG B 78 1.12 38.23 -2.61
N VAL B 79 1.73 37.08 -2.36
CA VAL B 79 2.26 36.78 -1.04
C VAL B 79 3.69 36.33 -1.16
N PRO B 80 4.63 37.27 -1.03
CA PRO B 80 6.06 36.98 -1.12
C PRO B 80 6.56 35.77 -0.32
N PHE B 81 7.26 34.88 -1.01
CA PHE B 81 7.83 33.70 -0.39
C PHE B 81 9.24 34.11 0.02
N LEU B 82 9.37 34.40 1.31
CA LEU B 82 10.60 34.87 1.94
C LEU B 82 11.95 34.29 1.52
N GLU B 83 12.12 32.98 1.67
CA GLU B 83 13.38 32.35 1.32
C GLU B 83 13.41 31.93 -0.16
N PHE B 84 12.36 32.29 -0.88
CA PHE B 84 12.28 31.89 -2.28
C PHE B 84 13.33 32.50 -3.17
N LYS B 85 13.72 31.68 -4.14
CA LYS B 85 14.71 32.05 -5.14
C LYS B 85 14.86 30.93 -6.16
N ALA B 86 15.17 31.33 -7.38
CA ALA B 86 15.35 30.40 -8.49
C ALA B 86 15.78 31.24 -9.69
N PRO B 87 16.68 30.70 -10.53
CA PRO B 87 17.14 31.45 -11.69
C PRO B 87 16.00 31.64 -12.70
N GLY B 88 15.93 32.85 -13.27
CA GLY B 88 14.90 33.16 -14.24
C GLY B 88 13.60 33.63 -13.60
N ILE B 89 13.66 33.87 -12.30
CA ILE B 89 12.50 34.32 -11.54
C ILE B 89 13.02 35.24 -10.45
N PRO B 90 12.17 36.20 -10.01
CA PRO B 90 12.59 37.13 -8.96
C PRO B 90 12.57 36.51 -7.56
N SER B 91 13.64 36.77 -6.81
CA SER B 91 13.74 36.24 -5.46
C SER B 91 12.59 36.82 -4.65
N GLY B 92 12.46 36.34 -3.42
CA GLY B 92 11.40 36.83 -2.58
C GLY B 92 11.75 38.21 -2.09
N MET B 93 13.02 38.40 -1.73
CA MET B 93 13.49 39.70 -1.26
C MET B 93 13.25 40.76 -2.30
N GLU B 94 13.52 40.39 -3.55
CA GLU B 94 13.31 41.26 -4.69
C GLU B 94 11.82 41.63 -4.73
N THR B 95 10.95 40.66 -5.02
CA THR B 95 9.50 40.89 -5.05
C THR B 95 9.04 41.68 -3.81
N LEU B 96 9.57 41.30 -2.66
CA LEU B 96 9.25 41.93 -1.39
C LEU B 96 9.46 43.44 -1.40
N LYS B 97 10.48 43.88 -2.12
CA LYS B 97 10.79 45.30 -2.22
C LYS B 97 9.54 46.08 -2.63
N ASP B 98 8.93 45.65 -3.72
CA ASP B 98 7.74 46.28 -4.24
C ASP B 98 6.44 45.64 -3.77
N THR B 99 6.27 45.53 -2.46
CA THR B 99 5.06 44.96 -1.91
C THR B 99 4.52 45.96 -0.90
N PRO B 100 3.27 46.39 -1.09
CA PRO B 100 2.50 47.35 -0.29
C PRO B 100 2.20 46.87 1.10
N ALA B 101 2.42 47.70 2.10
CA ALA B 101 2.07 47.32 3.46
C ALA B 101 0.57 47.54 3.54
N PRO B 102 -0.15 46.77 4.35
CA PRO B 102 0.36 45.72 5.22
C PRO B 102 0.76 44.58 4.31
N ARG B 103 1.93 44.00 4.56
CA ARG B 103 2.40 42.88 3.74
C ARG B 103 2.00 41.55 4.31
N LEU B 104 1.82 40.60 3.41
CA LEU B 104 1.51 39.23 3.74
C LEU B 104 2.78 38.48 3.33
N LEU B 105 3.38 37.81 4.29
CA LEU B 105 4.61 37.06 4.05
C LEU B 105 4.42 35.56 4.27
N LYS B 106 5.11 34.75 3.47
CA LYS B 106 5.08 33.30 3.59
C LYS B 106 6.48 32.70 3.80
N THR B 107 6.55 31.68 4.67
CA THR B 107 7.80 30.97 4.95
C THR B 107 7.58 29.52 5.44
N HIS B 108 8.60 28.67 5.27
CA HIS B 108 8.58 27.28 5.74
C HIS B 108 9.84 27.02 6.54
N LEU B 109 10.60 28.07 6.80
CA LEU B 109 11.83 27.93 7.57
C LEU B 109 11.64 27.57 9.06
N PRO B 110 12.56 26.80 9.61
CA PRO B 110 12.48 26.42 11.02
C PRO B 110 12.89 27.66 11.82
N LEU B 111 12.47 27.73 13.07
CA LEU B 111 12.79 28.87 13.93
C LEU B 111 14.28 29.18 13.93
N ALA B 112 15.07 28.14 13.76
CA ALA B 112 16.50 28.27 13.74
C ALA B 112 17.03 29.16 12.62
N LEU B 113 16.31 29.26 11.52
CA LEU B 113 16.84 30.07 10.42
C LEU B 113 15.98 31.27 10.15
N LEU B 114 14.95 31.42 10.97
CA LEU B 114 14.00 32.51 10.80
C LEU B 114 14.63 33.83 11.18
N PRO B 115 14.59 34.82 10.28
CA PRO B 115 15.13 36.17 10.49
C PRO B 115 14.65 36.74 11.82
N GLN B 116 15.57 37.04 12.72
CA GLN B 116 15.24 37.55 14.06
C GLN B 116 14.35 38.78 14.04
N THR B 117 14.46 39.57 12.98
CA THR B 117 13.66 40.78 12.85
C THR B 117 12.16 40.55 13.07
N LEU B 118 11.65 39.46 12.47
CA LEU B 118 10.25 39.05 12.57
C LEU B 118 9.82 38.80 14.00
N LEU B 119 10.74 38.29 14.80
CA LEU B 119 10.42 38.01 16.19
C LEU B 119 10.51 39.29 16.99
N ASP B 120 11.52 40.12 16.71
CA ASP B 120 11.69 41.39 17.43
C ASP B 120 10.46 42.26 17.20
N GLN B 121 10.07 42.42 15.94
CA GLN B 121 8.93 43.26 15.60
C GLN B 121 7.59 42.78 16.14
N LYS B 122 7.59 41.59 16.78
CA LYS B 122 6.40 40.94 17.35
C LYS B 122 5.32 40.78 16.27
N VAL B 123 5.77 40.40 15.07
CA VAL B 123 4.96 40.20 13.87
C VAL B 123 3.99 39.06 14.07
N LYS B 124 2.70 39.30 13.84
CA LYS B 124 1.67 38.27 13.96
C LYS B 124 1.95 37.06 13.09
N VAL B 125 1.66 35.88 13.62
CA VAL B 125 1.93 34.65 12.90
C VAL B 125 0.75 33.71 12.82
N VAL B 126 0.40 33.33 11.59
CA VAL B 126 -0.64 32.33 11.38
C VAL B 126 0.12 31.07 10.94
N TYR B 127 0.02 30.02 11.75
CA TYR B 127 0.69 28.76 11.47
C TYR B 127 -0.34 27.67 11.17
N VAL B 128 -0.10 26.89 10.11
CA VAL B 128 -1.03 25.81 9.78
C VAL B 128 -0.31 24.48 9.90
N ALA B 129 -0.92 23.56 10.65
CA ALA B 129 -0.32 22.22 10.84
C ALA B 129 -1.22 21.14 10.24
N ARG B 130 -0.64 20.09 9.69
CA ARG B 130 -1.41 18.99 9.10
C ARG B 130 -0.82 17.67 9.61
N ASN B 131 -1.61 16.60 9.67
CA ASN B 131 -1.10 15.33 10.17
C ASN B 131 0.02 14.84 9.23
N ALA B 132 1.07 14.25 9.81
CA ALA B 132 2.25 13.81 9.06
C ALA B 132 2.02 12.85 7.94
N LYS B 133 1.04 11.98 8.12
CA LYS B 133 0.74 10.98 7.11
C LYS B 133 0.31 11.63 5.80
N ASP B 134 -0.69 12.50 5.87
CA ASP B 134 -1.13 13.19 4.66
C ASP B 134 0.01 14.08 4.15
N VAL B 135 0.71 14.74 5.07
CA VAL B 135 1.84 15.59 4.72
C VAL B 135 2.90 14.78 3.92
N ALA B 136 3.21 13.60 4.43
CA ALA B 136 4.21 12.76 3.76
C ALA B 136 3.76 12.38 2.37
N VAL B 137 2.49 11.98 2.22
CA VAL B 137 2.04 11.58 0.90
C VAL B 137 2.03 12.79 -0.01
N SER B 138 1.43 13.87 0.48
CA SER B 138 1.37 15.08 -0.29
C SER B 138 2.78 15.49 -0.72
N TYR B 139 3.73 15.42 0.21
CA TYR B 139 5.11 15.77 -0.06
C TYR B 139 5.79 14.83 -1.06
N TYR B 140 5.49 13.53 -0.98
CA TYR B 140 6.08 12.58 -1.91
C TYR B 140 5.79 12.97 -3.35
N HIS B 141 4.52 13.23 -3.64
CA HIS B 141 4.10 13.62 -4.97
C HIS B 141 4.67 14.95 -5.36
N PHE B 142 4.67 15.88 -4.42
CA PHE B 142 5.22 17.19 -4.70
C PHE B 142 6.67 17.10 -5.18
N TYR B 143 7.40 16.13 -4.63
CA TYR B 143 8.81 15.93 -4.96
C TYR B 143 8.95 15.61 -6.45
N HIS B 144 8.06 14.78 -6.97
CA HIS B 144 8.10 14.44 -8.39
C HIS B 144 7.83 15.59 -9.35
N MET B 145 6.72 16.28 -9.14
CA MET B 145 6.32 17.38 -10.01
C MET B 145 7.20 18.63 -9.91
N ALA B 146 7.70 18.91 -8.71
CA ALA B 146 8.57 20.05 -8.50
C ALA B 146 9.99 19.55 -8.70
N LYS B 147 10.51 19.76 -9.91
CA LYS B 147 11.85 19.28 -10.29
C LYS B 147 13.10 19.76 -9.53
N VAL B 148 13.01 20.79 -8.69
CA VAL B 148 14.21 21.25 -7.97
C VAL B 148 14.56 20.39 -6.76
N HIS B 149 13.70 19.44 -6.41
CA HIS B 149 14.00 18.56 -5.28
C HIS B 149 14.82 17.38 -5.77
N PRO B 150 15.65 16.83 -4.91
CA PRO B 150 16.43 15.68 -5.38
C PRO B 150 15.45 14.55 -5.79
N GLU B 151 15.97 13.49 -6.42
CA GLU B 151 15.12 12.37 -6.83
C GLU B 151 14.48 11.81 -5.55
N PRO B 152 13.15 11.65 -5.54
CA PRO B 152 12.40 11.13 -4.40
C PRO B 152 12.72 9.69 -4.10
N GLY B 153 12.81 8.91 -5.18
CA GLY B 153 13.06 7.50 -5.05
C GLY B 153 11.73 6.79 -4.98
N THR B 154 11.69 5.65 -4.30
CA THR B 154 10.46 4.89 -4.15
C THR B 154 9.70 5.50 -2.98
N TRP B 155 8.39 5.34 -2.96
CA TRP B 155 7.64 5.90 -1.86
C TRP B 155 8.10 5.31 -0.55
N ASP B 156 8.43 4.04 -0.54
CA ASP B 156 8.85 3.44 0.72
C ASP B 156 10.14 4.07 1.21
N SER B 157 11.00 4.37 0.25
CA SER B 157 12.28 5.00 0.48
C SER B 157 12.06 6.41 1.05
N PHE B 158 11.23 7.18 0.35
CA PHE B 158 10.89 8.54 0.75
C PHE B 158 10.24 8.55 2.13
N LEU B 159 9.36 7.60 2.39
CA LEU B 159 8.71 7.57 3.71
C LEU B 159 9.81 7.54 4.76
N GLU B 160 10.88 6.80 4.43
CA GLU B 160 12.02 6.63 5.33
C GLU B 160 12.71 7.93 5.65
N LYS B 161 13.13 8.66 4.60
CA LYS B 161 13.77 9.96 4.80
C LYS B 161 12.84 10.88 5.58
N PHE B 162 11.57 10.92 5.18
CA PHE B 162 10.60 11.75 5.88
C PHE B 162 10.66 11.48 7.39
N MET B 163 10.81 10.23 7.79
CA MET B 163 10.85 9.99 9.23
C MET B 163 12.07 10.55 9.93
N VAL B 164 13.21 10.60 9.22
CA VAL B 164 14.44 11.10 9.81
C VAL B 164 14.77 12.52 9.36
N GLY B 165 13.75 13.23 8.94
CA GLY B 165 13.91 14.60 8.49
C GLY B 165 14.90 14.84 7.38
N GLU B 166 15.13 13.87 6.51
CA GLU B 166 16.08 14.09 5.43
C GLU B 166 15.42 14.52 4.15
N VAL B 167 14.50 15.48 4.26
CA VAL B 167 13.78 16.04 3.12
C VAL B 167 13.88 17.55 3.19
N SER B 168 13.56 18.21 2.10
CA SER B 168 13.62 19.67 2.05
C SER B 168 12.89 20.33 3.22
N TYR B 169 13.62 21.14 4.01
CA TYR B 169 13.10 21.87 5.17
C TYR B 169 13.16 21.08 6.48
N GLY B 170 13.79 19.91 6.43
CA GLY B 170 13.91 19.07 7.59
C GLY B 170 12.71 18.33 8.20
N SER B 171 12.81 18.15 9.51
CA SER B 171 11.82 17.44 10.33
C SER B 171 10.48 18.04 10.54
N TRP B 172 9.45 17.34 10.06
CA TRP B 172 8.08 17.77 10.23
C TRP B 172 7.81 17.79 11.74
N TYR B 173 8.39 16.82 12.43
CA TYR B 173 8.21 16.66 13.86
C TYR B 173 8.72 17.85 14.65
N GLN B 174 9.91 18.34 14.33
CA GLN B 174 10.46 19.50 15.06
C GLN B 174 9.71 20.76 14.68
N HIS B 175 9.44 20.90 13.39
CA HIS B 175 8.73 22.08 12.91
C HIS B 175 7.40 22.30 13.67
N VAL B 176 6.46 21.36 13.59
CA VAL B 176 5.20 21.61 14.29
C VAL B 176 5.35 21.75 15.81
N GLN B 177 6.40 21.16 16.37
CA GLN B 177 6.58 21.24 17.82
C GLN B 177 7.10 22.60 18.26
N GLU B 178 8.17 23.07 17.64
CA GLU B 178 8.75 24.36 18.03
C GLU B 178 7.82 25.53 17.83
N TRP B 179 7.17 25.60 16.68
CA TRP B 179 6.27 26.71 16.45
C TRP B 179 5.09 26.64 17.40
N TRP B 180 4.79 25.44 17.90
CA TRP B 180 3.69 25.34 18.83
C TRP B 180 4.12 25.96 20.16
N GLU B 181 5.41 25.82 20.52
CA GLU B 181 5.91 26.41 21.77
C GLU B 181 6.04 27.94 21.62
N LEU B 182 6.41 28.41 20.44
CA LEU B 182 6.56 29.84 20.19
C LEU B 182 5.24 30.55 20.41
N SER B 183 4.13 29.87 20.14
CA SER B 183 2.83 30.49 20.29
C SER B 183 2.51 30.74 21.74
N ARG B 184 3.33 30.20 22.63
CA ARG B 184 3.09 30.37 24.05
C ARG B 184 3.49 31.79 24.46
N THR B 185 4.46 32.37 23.76
CA THR B 185 4.94 33.71 24.07
C THR B 185 4.91 34.71 22.93
N HIS B 186 4.44 34.29 21.76
CA HIS B 186 4.39 35.18 20.60
C HIS B 186 2.97 35.18 20.02
N PRO B 187 2.62 36.19 19.23
CA PRO B 187 1.26 36.19 18.67
C PRO B 187 1.16 35.21 17.52
N VAL B 188 0.67 34.02 17.82
CA VAL B 188 0.53 32.99 16.83
C VAL B 188 -0.85 32.37 16.80
N LEU B 189 -1.47 32.35 15.62
CA LEU B 189 -2.75 31.67 15.46
C LEU B 189 -2.38 30.27 14.93
N TYR B 190 -2.58 29.24 15.75
CA TYR B 190 -2.22 27.88 15.37
C TYR B 190 -3.40 27.08 14.84
N LEU B 191 -3.46 26.97 13.52
CA LEU B 191 -4.53 26.26 12.83
C LEU B 191 -4.15 24.87 12.36
N PHE B 192 -5.18 24.03 12.17
CA PHE B 192 -5.00 22.66 11.69
C PHE B 192 -5.70 22.44 10.37
N TYR B 193 -4.98 21.91 9.38
CA TYR B 193 -5.56 21.66 8.06
C TYR B 193 -6.88 20.92 8.16
N GLU B 194 -6.91 19.89 9.01
CA GLU B 194 -8.13 19.10 9.19
C GLU B 194 -9.31 19.93 9.71
N ASP B 195 -9.06 20.85 10.64
CA ASP B 195 -10.14 21.70 11.17
C ASP B 195 -10.68 22.55 10.06
N MET B 196 -9.80 23.05 9.20
CA MET B 196 -10.27 23.88 8.09
C MET B 196 -11.06 23.07 7.07
N LYS B 197 -10.67 21.83 6.85
CA LYS B 197 -11.37 20.98 5.90
C LYS B 197 -12.76 20.76 6.47
N GLU B 198 -12.77 20.38 7.74
CA GLU B 198 -13.98 20.08 8.44
C GLU B 198 -14.94 21.26 8.39
N ASN B 199 -14.64 22.35 9.10
CA ASN B 199 -15.51 23.53 9.05
C ASN B 199 -14.78 24.85 8.67
N PRO B 200 -14.64 25.12 7.38
CA PRO B 200 -13.96 26.35 6.94
C PRO B 200 -14.48 27.65 7.50
N LYS B 201 -15.79 27.77 7.62
CA LYS B 201 -16.36 29.01 8.17
C LYS B 201 -15.84 29.28 9.59
N ARG B 202 -15.86 28.27 10.46
CA ARG B 202 -15.38 28.43 11.83
C ARG B 202 -13.91 28.83 11.89
N GLU B 203 -13.13 28.34 10.93
CA GLU B 203 -11.71 28.65 10.90
C GLU B 203 -11.43 30.02 10.30
N ILE B 204 -12.18 30.42 9.28
CA ILE B 204 -11.98 31.73 8.68
C ILE B 204 -12.43 32.81 9.66
N GLN B 205 -13.47 32.52 10.43
CA GLN B 205 -13.94 33.50 11.39
C GLN B 205 -12.86 33.66 12.44
N LYS B 206 -12.14 32.58 12.70
CA LYS B 206 -11.07 32.62 13.69
C LYS B 206 -9.94 33.52 13.21
N ILE B 207 -9.64 33.44 11.91
CA ILE B 207 -8.57 34.23 11.30
C ILE B 207 -8.89 35.71 11.37
N LEU B 208 -10.10 36.06 10.93
CA LEU B 208 -10.57 37.44 10.94
C LEU B 208 -10.41 38.02 12.34
N GLU B 209 -10.97 37.32 13.33
CA GLU B 209 -10.90 37.76 14.71
C GLU B 209 -9.47 37.99 15.17
N PHE B 210 -8.54 37.22 14.65
CA PHE B 210 -7.13 37.37 15.04
C PHE B 210 -6.44 38.55 14.35
N VAL B 211 -6.70 38.73 13.06
CA VAL B 211 -6.07 39.81 12.34
C VAL B 211 -6.78 41.14 12.57
N GLY B 212 -7.93 41.08 13.23
CA GLY B 212 -8.66 42.30 13.55
C GLY B 212 -9.53 42.96 12.51
N HIS B 213 -10.08 42.18 11.59
CA HIS B 213 -10.99 42.73 10.58
C HIS B 213 -12.35 42.09 10.87
N SER B 214 -13.39 42.61 10.25
CA SER B 214 -14.71 42.03 10.44
C SER B 214 -15.47 42.26 9.15
N LEU B 215 -15.95 41.16 8.58
CA LEU B 215 -16.70 41.25 7.35
C LEU B 215 -18.07 40.69 7.63
N PRO B 216 -19.04 41.02 6.76
CA PRO B 216 -20.42 40.55 6.90
C PRO B 216 -20.57 39.06 6.53
N GLU B 217 -21.33 38.32 7.35
CA GLU B 217 -21.53 36.89 7.12
C GLU B 217 -21.72 36.56 5.64
N GLU B 218 -22.26 37.51 4.87
CA GLU B 218 -22.45 37.29 3.45
C GLU B 218 -21.12 37.20 2.74
N THR B 219 -20.19 38.09 3.07
CA THR B 219 -18.88 38.07 2.45
C THR B 219 -18.13 36.81 2.89
N VAL B 220 -18.24 36.46 4.17
CA VAL B 220 -17.59 35.28 4.71
C VAL B 220 -17.99 34.04 3.93
N ASP B 221 -19.29 33.80 3.83
CA ASP B 221 -19.78 32.62 3.11
C ASP B 221 -19.32 32.66 1.66
N PHE B 222 -19.07 33.86 1.17
CA PHE B 222 -18.60 34.03 -0.21
C PHE B 222 -17.17 33.50 -0.35
N MET B 223 -16.37 33.66 0.71
CA MET B 223 -14.99 33.19 0.67
C MET B 223 -14.99 31.68 0.84
N VAL B 224 -15.77 31.19 1.81
CA VAL B 224 -15.84 29.75 2.03
C VAL B 224 -15.99 29.10 0.69
N GLN B 225 -16.83 29.70 -0.13
CA GLN B 225 -17.09 29.18 -1.44
C GLN B 225 -15.83 29.24 -2.31
N HIS B 226 -15.23 30.42 -2.45
CA HIS B 226 -14.04 30.55 -3.31
C HIS B 226 -12.68 30.06 -2.82
N THR B 227 -12.59 29.74 -1.54
CA THR B 227 -11.34 29.24 -1.01
C THR B 227 -11.43 27.73 -0.85
N SER B 228 -12.34 27.12 -1.60
CA SER B 228 -12.55 25.68 -1.57
C SER B 228 -11.63 25.04 -2.61
N PHE B 229 -11.30 23.77 -2.38
CA PHE B 229 -10.40 23.05 -3.27
C PHE B 229 -10.89 23.08 -4.72
N LYS B 230 -12.20 22.90 -4.89
CA LYS B 230 -12.84 22.91 -6.21
C LYS B 230 -12.50 24.19 -6.99
N GLU B 231 -12.77 25.32 -6.34
CA GLU B 231 -12.52 26.63 -6.91
C GLU B 231 -11.03 26.93 -7.09
N MET B 232 -10.24 26.66 -6.07
CA MET B 232 -8.82 26.93 -6.15
C MET B 232 -8.10 26.05 -7.18
N LYS B 233 -8.58 24.82 -7.39
CA LYS B 233 -7.96 23.93 -8.37
C LYS B 233 -8.07 24.51 -9.78
N LYS B 234 -9.23 25.07 -10.09
CA LYS B 234 -9.50 25.68 -11.39
C LYS B 234 -8.81 27.04 -11.53
N ASN B 235 -8.73 27.75 -10.42
CA ASN B 235 -8.13 29.07 -10.35
C ASN B 235 -6.62 29.08 -10.65
N PRO B 236 -6.23 29.57 -11.84
CA PRO B 236 -4.82 29.62 -12.21
C PRO B 236 -4.00 30.65 -11.41
N MET B 237 -4.65 31.50 -10.63
CA MET B 237 -3.93 32.47 -9.81
C MET B 237 -3.55 31.83 -8.46
N THR B 238 -3.80 30.52 -8.31
CA THR B 238 -3.51 29.78 -7.07
C THR B 238 -3.05 28.36 -7.33
N ASN B 239 -3.45 27.78 -8.44
CA ASN B 239 -2.99 26.42 -8.73
C ASN B 239 -1.54 26.28 -9.34
N TYR B 240 -0.74 27.34 -9.25
CA TYR B 240 0.67 27.37 -9.74
C TYR B 240 0.87 26.81 -11.15
N THR B 241 -0.13 26.94 -12.02
CA THR B 241 0.04 26.39 -13.38
C THR B 241 0.76 27.35 -14.34
N THR B 242 0.95 28.59 -13.91
CA THR B 242 1.62 29.59 -14.71
C THR B 242 3.09 29.19 -14.85
N VAL B 243 3.72 28.95 -13.70
CA VAL B 243 5.12 28.56 -13.61
C VAL B 243 5.58 27.66 -14.74
N PRO B 244 6.81 27.89 -15.25
CA PRO B 244 7.46 27.15 -16.33
C PRO B 244 7.43 25.65 -16.09
N GLN B 245 7.14 24.86 -17.11
CA GLN B 245 7.10 23.40 -16.94
C GLN B 245 8.43 22.92 -16.38
N GLU B 246 9.47 23.72 -16.60
CA GLU B 246 10.83 23.41 -16.14
C GLU B 246 10.89 23.25 -14.62
N PHE B 247 10.17 24.12 -13.90
CA PHE B 247 10.14 24.06 -12.44
C PHE B 247 9.03 23.14 -11.90
N MET B 248 7.80 23.32 -12.38
CA MET B 248 6.68 22.48 -11.95
C MET B 248 5.98 21.89 -13.17
N ASP B 249 5.98 20.56 -13.25
CA ASP B 249 5.33 19.86 -14.33
C ASP B 249 4.09 19.17 -13.78
N HIS B 250 2.97 19.87 -13.88
CA HIS B 250 1.71 19.38 -13.37
C HIS B 250 1.20 18.09 -13.99
N SER B 251 1.81 17.64 -15.08
CA SER B 251 1.35 16.39 -15.69
C SER B 251 1.70 15.23 -14.75
N ILE B 252 2.92 15.25 -14.23
CA ILE B 252 3.41 14.23 -13.31
C ILE B 252 2.49 14.14 -12.10
N SER B 253 2.18 15.31 -11.54
CA SER B 253 1.28 15.44 -10.42
C SER B 253 0.97 16.91 -10.32
N PRO B 254 -0.32 17.26 -10.26
CA PRO B 254 -0.75 18.66 -10.16
C PRO B 254 -0.49 19.19 -8.75
N PHE B 255 -0.28 20.50 -8.64
CA PHE B 255 -0.04 21.11 -7.33
C PHE B 255 -1.28 20.87 -6.47
N MET B 256 -2.44 21.06 -7.08
CA MET B 256 -3.73 20.84 -6.43
C MET B 256 -4.04 19.37 -6.71
N ARG B 257 -3.58 18.51 -5.80
CA ARG B 257 -3.74 17.06 -5.92
C ARG B 257 -5.09 16.46 -5.51
N LYS B 258 -5.45 16.52 -4.23
CA LYS B 258 -6.69 15.89 -3.78
C LYS B 258 -7.38 16.78 -2.79
N GLY B 259 -6.62 17.35 -1.89
CA GLY B 259 -7.21 18.26 -0.94
C GLY B 259 -8.10 17.62 0.07
N MET B 260 -7.69 16.45 0.54
N MET B 260 -7.68 16.45 0.53
CA MET B 260 -8.49 15.78 1.54
CA MET B 260 -8.46 15.76 1.53
C MET B 260 -7.69 15.28 2.74
C MET B 260 -7.68 15.24 2.74
N ALA B 261 -8.37 15.14 3.87
CA ALA B 261 -7.75 14.63 5.10
C ALA B 261 -8.05 13.15 5.07
N GLY B 262 -7.03 12.30 5.16
CA GLY B 262 -7.29 10.85 5.14
C GLY B 262 -6.76 10.12 3.93
N ASP B 263 -6.47 10.84 2.84
CA ASP B 263 -5.95 10.25 1.63
C ASP B 263 -4.73 9.37 1.84
N TRP B 264 -4.10 9.47 3.01
CA TRP B 264 -2.91 8.66 3.26
C TRP B 264 -3.25 7.17 3.33
N LYS B 265 -4.44 6.87 3.82
CA LYS B 265 -4.86 5.48 3.92
C LYS B 265 -4.71 4.66 2.63
N THR B 266 -4.75 5.28 1.46
CA THR B 266 -4.59 4.53 0.23
C THR B 266 -3.18 4.50 -0.33
N THR B 267 -2.20 4.93 0.47
CA THR B 267 -0.80 4.90 0.05
C THR B 267 0.05 4.09 1.05
N PHE B 268 -0.19 4.34 2.32
CA PHE B 268 0.50 3.64 3.39
C PHE B 268 0.16 2.15 3.45
N THR B 269 1.15 1.27 3.24
CA THR B 269 0.85 -0.16 3.35
C THR B 269 0.63 -0.37 4.83
N VAL B 270 0.21 -1.57 5.22
CA VAL B 270 -0.04 -1.85 6.62
C VAL B 270 1.26 -1.92 7.42
N ALA B 271 2.36 -2.22 6.73
CA ALA B 271 3.66 -2.32 7.38
C ALA B 271 4.15 -0.92 7.73
N GLN B 272 4.24 -0.08 6.70
CA GLN B 272 4.65 1.30 6.85
C GLN B 272 3.81 1.94 7.95
N ASN B 273 2.51 1.73 7.94
CA ASN B 273 1.71 2.35 8.97
C ASN B 273 2.16 1.92 10.35
N GLU B 274 2.53 0.65 10.49
CA GLU B 274 2.93 0.15 11.78
C GLU B 274 4.23 0.72 12.29
N ARG B 275 5.25 0.75 11.44
CA ARG B 275 6.54 1.29 11.88
C ARG B 275 6.37 2.77 12.21
N PHE B 276 5.65 3.48 11.34
CA PHE B 276 5.38 4.89 11.51
C PHE B 276 4.64 5.22 12.83
N ASP B 277 3.54 4.54 13.12
CA ASP B 277 2.83 4.84 14.37
C ASP B 277 3.68 4.60 15.59
N ALA B 278 4.67 3.71 15.47
CA ALA B 278 5.54 3.38 16.58
C ALA B 278 6.58 4.45 16.74
N ASP B 279 7.15 4.85 15.62
CA ASP B 279 8.18 5.89 15.59
C ASP B 279 7.58 7.19 16.07
N TYR B 280 6.40 7.47 15.58
CA TYR B 280 5.70 8.70 15.87
C TYR B 280 5.25 8.83 17.30
N ALA B 281 4.97 7.71 17.97
CA ALA B 281 4.54 7.80 19.36
C ALA B 281 5.77 8.17 20.18
N GLU B 282 6.94 8.07 19.54
CA GLU B 282 8.19 8.40 20.19
C GLU B 282 8.53 9.87 20.07
N LYS B 283 8.58 10.36 18.82
CA LYS B 283 8.90 11.75 18.54
C LYS B 283 7.90 12.71 19.20
N MET B 284 6.64 12.29 19.31
CA MET B 284 5.62 13.15 19.91
C MET B 284 5.33 12.61 21.29
N ALA B 285 6.26 11.82 21.79
CA ALA B 285 6.11 11.20 23.10
C ALA B 285 5.30 12.05 24.07
N GLY B 286 5.86 13.18 24.49
CA GLY B 286 5.16 14.00 25.45
C GLY B 286 4.38 15.23 25.04
N CYS B 287 4.65 15.75 23.85
N CYS B 287 4.63 15.72 23.83
CA CYS B 287 3.95 16.95 23.41
CA CYS B 287 3.93 16.91 23.33
C CYS B 287 2.43 16.81 23.54
C CYS B 287 2.42 16.81 23.50
N SER B 288 1.79 17.94 23.80
CA SER B 288 0.34 17.99 23.97
C SER B 288 -0.39 18.21 22.65
N LEU B 289 0.38 18.25 21.57
CA LEU B 289 -0.19 18.44 20.23
C LEU B 289 -1.05 17.23 19.84
N SER B 290 -2.24 17.51 19.33
CA SER B 290 -3.15 16.46 18.92
C SER B 290 -3.58 16.63 17.46
N PHE B 291 -3.37 15.59 16.66
CA PHE B 291 -3.72 15.59 15.24
C PHE B 291 -4.76 14.55 14.89
N ARG B 292 -5.62 14.86 13.94
CA ARG B 292 -6.63 13.91 13.50
C ARG B 292 -6.15 13.41 12.15
N SER B 293 -6.34 12.13 11.85
CA SER B 293 -5.90 11.58 10.56
C SER B 293 -7.03 11.28 9.58
N GLU B 294 -8.26 11.32 10.07
CA GLU B 294 -9.44 11.06 9.24
C GLU B 294 -10.51 12.12 9.51
N LEU B 295 -11.20 12.52 8.44
CA LEU B 295 -12.28 13.52 8.51
C LEU B 295 -11.82 14.98 8.76
P1 A3P C . 4.32 -17.23 -2.01
O1P A3P C . 3.94 -16.80 -3.37
O2P A3P C . 5.72 -17.52 -1.77
O3P A3P C . 3.59 -16.46 -0.95
P2 A3P C . 0.73 -23.42 -4.51
O4P A3P C . 0.16 -23.03 -5.83
O5P A3P C . 1.64 -24.59 -4.51
O6P A3P C . -0.51 -23.45 -3.35
O5' A3P C . 1.62 -22.10 -4.11
C5' A3P C . 2.52 -22.26 -3.06
C4' A3P C . 2.81 -20.99 -2.28
O4' A3P C . 3.68 -21.55 -1.26
C3' A3P C . 3.72 -19.87 -2.91
O3' A3P C . 3.57 -18.73 -1.95
C2' A3P C . 5.09 -20.53 -2.85
O2' A3P C . 6.18 -19.62 -3.07
C1' A3P C . 5.01 -21.09 -1.44
N9 A3P C . 5.83 -22.24 -1.11
C8 A3P C . 6.20 -23.25 -2.01
N7 A3P C . 6.94 -24.19 -1.47
C5 A3P C . 7.10 -23.76 -0.11
C6 A3P C . 7.80 -24.34 1.03
N6 A3P C . 8.49 -25.48 0.92
N1 A3P C . 7.73 -23.66 2.23
C2 A3P C . 7.02 -22.51 2.29
N3 A3P C . 6.33 -21.88 1.30
C4 A3P C . 6.40 -22.57 0.11
C1 EST D . -2.93 -23.32 -10.64
C2 EST D . -3.07 -23.07 -9.24
C3 EST D . -2.03 -23.47 -8.34
O3 EST D . -2.17 -23.22 -7.00
C4 EST D . -0.85 -24.11 -8.81
C5 EST D . -0.68 -24.38 -10.23
C6 EST D . 0.61 -25.08 -10.71
C7 EST D . 0.70 -25.36 -12.25
C8 EST D . -0.02 -24.30 -13.10
C9 EST D . -1.57 -24.24 -12.71
C10 EST D . -1.74 -23.96 -11.19
C11 EST D . -2.26 -23.16 -13.59
C12 EST D . -2.11 -23.38 -15.12
C13 EST D . -0.61 -23.49 -15.54
C14 EST D . 0.09 -24.62 -14.67
C15 EST D . 1.45 -24.73 -15.39
C16 EST D . 1.01 -24.87 -16.88
C17 EST D . -0.34 -24.06 -16.97
O17 EST D . -0.24 -23.08 -18.04
C18 EST D . 0.06 -22.05 -15.45
P1 A3P E . -2.77 17.56 -1.42
O1P A3P E . -1.48 17.23 -2.06
O2P A3P E . -3.86 17.98 -2.31
O3P A3P E . -3.09 16.61 -0.33
P2 A3P E . 1.04 23.81 0.18
O4P A3P E . 2.42 23.46 -0.28
O5P A3P E . 0.38 24.93 -0.51
O6P A3P E . 0.99 23.83 1.90
O5' A3P E . 0.13 22.46 -0.18
C5' A3P E . -1.24 22.56 0.01
C4' A3P E . -1.88 21.20 0.16
O4' A3P E . -3.28 21.51 0.39
C3' A3P E . -1.91 20.27 -1.09
O3' A3P E . -2.36 18.96 -0.54
C2' A3P E . -2.96 21.00 -1.90
O2' A3P E . -3.39 20.28 -3.08
C1' A3P E . -4.03 21.18 -0.79
N9 A3P E . -5.00 22.29 -0.92
C8 A3P E . -4.78 23.43 -1.72
N7 A3P E . -5.75 24.29 -1.71
C5 A3P E . -6.73 23.68 -0.84
C6 A3P E . -8.05 24.12 -0.36
N6 A3P E . -8.61 25.25 -0.77
N1 A3P E . -8.74 23.28 0.50
C2 A3P E . -8.13 22.14 0.89
N3 A3P E . -6.94 21.62 0.54
C4 A3P E . -6.24 22.47 -0.32
C1 EST F . 7.84 24.58 -1.33
C2 EST F . 6.96 24.12 -0.29
C3 EST F . 5.56 24.45 -0.34
O3 EST F . 4.70 23.99 0.66
C4 EST F . 5.04 25.23 -1.43
C5 EST F . 5.90 25.70 -2.47
C6 EST F . 5.29 26.54 -3.62
C7 EST F . 6.29 27.03 -4.71
C8 EST F . 7.46 26.09 -4.95
C9 EST F . 8.28 25.89 -3.59
C10 EST F . 7.35 25.38 -2.45
C11 EST F . 9.46 24.90 -3.88
C12 EST F . 10.42 25.38 -5.02
C13 EST F . 9.66 25.64 -6.35
C14 EST F . 8.46 26.65 -6.06
C15 EST F . 7.99 26.95 -7.50
C16 EST F . 9.36 27.32 -8.20
C17 EST F . 10.44 26.47 -7.43
O17 EST F . 11.20 25.70 -8.39
C18 EST F . 9.24 24.24 -6.99
#